data_3PMD
#
_entry.id   3PMD
#
_cell.length_a   89.223
_cell.length_b   89.223
_cell.length_c   35.819
_cell.angle_alpha   90.00
_cell.angle_beta   90.00
_cell.angle_gamma   120.00
#
_symmetry.space_group_name_H-M   'P 32 2 1'
#
loop_
_entity.id
_entity.type
_entity.pdbx_description
1 polymer 'Conserved domain protein'
2 non-polymer 'UNDECANOIC ACID'
3 non-polymer 'CHLORIDE ION'
4 water water
#
_entity_poly.entity_id   1
_entity_poly.type   'polypeptide(L)'
_entity_poly.pdbx_seq_one_letter_code
;GSHMEATKRYLCLYLKESQEKFISNWKKRILVHEHDPYKNEIIKNGTHLLHVFTMYMREEINLQDIEDISKKIAQERMDA
KVNIADFIYNTNEGKKEILNTLFLLNPTGQECKVVIEQINLFFDHLIYSTIYSYYKLKKEYIHSYYELKKKYN
;
_entity_poly.pdbx_strand_id   A
#
loop_
_chem_comp.id
_chem_comp.type
_chem_comp.name
_chem_comp.formula
11A non-polymer 'UNDECANOIC ACID' 'C11 H22 O2'
CL non-polymer 'CHLORIDE ION' 'Cl -1'
#
# COMPACT_ATOMS: atom_id res chain seq x y z
N GLY A 1 -22.36 28.96 -5.51
CA GLY A 1 -21.50 28.69 -4.32
C GLY A 1 -20.09 29.23 -4.53
N SER A 2 -19.27 29.15 -3.49
CA SER A 2 -17.90 29.66 -3.55
C SER A 2 -16.91 28.67 -4.17
N HIS A 3 -17.22 27.38 -4.09
CA HIS A 3 -16.38 26.33 -4.65
C HIS A 3 -14.93 26.40 -4.11
N MET A 4 -14.81 26.39 -2.78
CA MET A 4 -13.51 26.43 -2.10
C MET A 4 -12.82 25.07 -2.20
N GLU A 5 -11.49 25.09 -2.26
CA GLU A 5 -10.69 23.89 -2.55
C GLU A 5 -11.02 22.73 -1.60
N ALA A 6 -11.40 21.59 -2.18
CA ALA A 6 -11.83 20.43 -1.39
C ALA A 6 -11.41 19.07 -1.99
N THR A 7 -10.51 19.06 -2.97
CA THR A 7 -10.21 17.81 -3.68
C THR A 7 -9.68 16.72 -2.73
N LYS A 8 -8.66 17.06 -1.94
CA LYS A 8 -8.09 16.12 -0.98
C LYS A 8 -9.15 15.67 0.02
N ARG A 9 -9.89 16.62 0.59
CA ARG A 9 -10.91 16.32 1.59
C ARG A 9 -11.97 15.37 1.05
N TYR A 10 -12.44 15.63 -0.17
CA TYR A 10 -13.44 14.79 -0.82
C TYR A 10 -12.93 13.38 -1.13
N LEU A 11 -11.66 13.29 -1.53
CA LEU A 11 -11.04 11.98 -1.78
C LEU A 11 -11.05 11.15 -0.49
N CYS A 12 -10.61 11.76 0.60
CA CYS A 12 -10.52 11.07 1.87
C CYS A 12 -11.91 10.69 2.41
N LEU A 13 -12.87 11.57 2.18
CA LEU A 13 -14.25 11.34 2.55
C LEU A 13 -14.81 10.11 1.84
N TYR A 14 -14.64 10.04 0.52
CA TYR A 14 -15.10 8.89 -0.25
CA TYR A 14 -15.06 8.90 -0.29
C TYR A 14 -14.45 7.61 0.22
N LEU A 15 -13.14 7.63 0.46
CA LEU A 15 -12.41 6.42 0.85
C LEU A 15 -12.81 5.95 2.25
N LYS A 16 -13.29 6.87 3.07
CA LYS A 16 -13.82 6.50 4.39
C LYS A 16 -15.23 5.93 4.29
N GLU A 17 -16.12 6.61 3.56
CA GLU A 17 -17.54 6.25 3.50
CA GLU A 17 -17.54 6.23 3.53
C GLU A 17 -17.85 5.07 2.57
N SER A 18 -17.01 4.88 1.56
CA SER A 18 -17.18 3.80 0.59
C SER A 18 -16.12 2.72 0.78
N GLN A 19 -15.53 2.68 1.97
CA GLN A 19 -14.45 1.75 2.29
C GLN A 19 -14.77 0.30 1.94
N GLU A 20 -15.97 -0.16 2.33
CA GLU A 20 -16.37 -1.54 2.07
C GLU A 20 -16.35 -1.84 0.57
N LYS A 21 -16.93 -0.94 -0.22
CA LYS A 21 -16.96 -1.09 -1.67
C LYS A 21 -15.55 -1.07 -2.25
N PHE A 22 -14.73 -0.15 -1.75
N PHE A 22 -14.73 -0.16 -1.76
CA PHE A 22 -13.38 -0.01 -2.23
CA PHE A 22 -13.36 -0.02 -2.27
C PHE A 22 -12.56 -1.28 -1.99
C PHE A 22 -12.52 -1.26 -1.99
N ILE A 23 -12.63 -1.81 -0.77
CA ILE A 23 -11.90 -3.04 -0.43
C ILE A 23 -12.43 -4.25 -1.19
N SER A 24 -13.76 -4.34 -1.32
CA SER A 24 -14.41 -5.38 -2.11
C SER A 24 -13.90 -5.37 -3.56
N ASN A 25 -13.80 -4.18 -4.15
CA ASN A 25 -13.30 -4.06 -5.52
C ASN A 25 -11.82 -4.43 -5.63
N TRP A 26 -11.05 -4.02 -4.64
CA TRP A 26 -9.62 -4.33 -4.60
C TRP A 26 -9.43 -5.84 -4.48
N LYS A 27 -10.30 -6.50 -3.70
CA LYS A 27 -10.29 -7.96 -3.58
C LYS A 27 -10.39 -8.69 -4.93
N LYS A 28 -11.09 -8.09 -5.88
CA LYS A 28 -11.35 -8.71 -7.18
C LYS A 28 -10.12 -8.65 -8.09
N ARG A 29 -9.14 -7.86 -7.71
CA ARG A 29 -8.00 -7.55 -8.56
C ARG A 29 -6.67 -8.08 -8.05
N ILE A 30 -6.57 -8.39 -6.75
CA ILE A 30 -5.29 -8.81 -6.18
C ILE A 30 -4.89 -10.28 -6.43
N LEU A 31 -3.59 -10.50 -6.32
CA LEU A 31 -2.96 -11.80 -6.46
CA LEU A 31 -2.95 -11.81 -6.45
C LEU A 31 -2.78 -12.39 -5.06
N VAL A 32 -3.50 -13.48 -4.79
CA VAL A 32 -3.42 -14.14 -3.48
C VAL A 32 -3.38 -15.63 -3.72
N HIS A 33 -2.48 -16.30 -3.03
CA HIS A 33 -2.30 -17.75 -3.16
C HIS A 33 -3.07 -18.49 -2.08
N GLU A 34 -3.77 -19.54 -2.47
CA GLU A 34 -4.66 -20.26 -1.57
C GLU A 34 -3.99 -20.70 -0.26
N HIS A 35 -2.73 -21.11 -0.35
CA HIS A 35 -1.99 -21.67 0.78
C HIS A 35 -1.11 -20.66 1.53
N ASP A 36 -1.27 -19.37 1.23
CA ASP A 36 -0.56 -18.31 1.96
C ASP A 36 -1.08 -18.27 3.40
N PRO A 37 -0.21 -18.48 4.40
CA PRO A 37 -0.68 -18.55 5.79
C PRO A 37 -1.13 -17.20 6.34
N TYR A 38 -0.71 -16.12 5.70
CA TYR A 38 -1.14 -14.76 6.06
C TYR A 38 -2.15 -14.21 5.06
N LYS A 39 -2.80 -15.11 4.32
CA LYS A 39 -3.81 -14.78 3.32
C LYS A 39 -4.75 -13.67 3.81
N ASN A 40 -5.34 -13.86 4.97
CA ASN A 40 -6.31 -12.89 5.47
C ASN A 40 -5.68 -11.62 6.09
N GLU A 41 -4.39 -11.65 6.38
CA GLU A 41 -3.67 -10.43 6.78
C GLU A 41 -3.51 -9.42 5.63
N ILE A 42 -3.56 -9.91 4.39
CA ILE A 42 -3.44 -9.03 3.23
C ILE A 42 -4.63 -8.06 3.22
N ILE A 43 -5.83 -8.59 3.40
CA ILE A 43 -7.02 -7.75 3.47
C ILE A 43 -6.98 -6.83 4.69
N LYS A 44 -6.53 -7.34 5.84
CA LYS A 44 -6.46 -6.53 7.06
C LYS A 44 -5.46 -5.38 6.90
N ASN A 45 -4.30 -5.71 6.33
CA ASN A 45 -3.25 -4.72 6.10
C ASN A 45 -3.69 -3.68 5.08
N GLY A 46 -4.41 -4.10 4.05
CA GLY A 46 -4.89 -3.18 3.02
C GLY A 46 -5.94 -2.23 3.57
N THR A 47 -6.81 -2.76 4.42
CA THR A 47 -7.82 -1.94 5.09
C THR A 47 -7.15 -0.89 5.98
N HIS A 48 -6.17 -1.33 6.78
CA HIS A 48 -5.40 -0.43 7.63
C HIS A 48 -4.63 0.60 6.81
N LEU A 49 -4.03 0.17 5.71
CA LEU A 49 -3.27 1.11 4.89
C LEU A 49 -4.15 2.15 4.22
N LEU A 50 -5.40 1.79 3.93
CA LEU A 50 -6.34 2.78 3.40
C LEU A 50 -6.54 3.90 4.42
N HIS A 51 -6.64 3.53 5.71
CA HIS A 51 -6.79 4.52 6.78
CA HIS A 51 -6.80 4.52 6.77
C HIS A 51 -5.52 5.35 6.92
N VAL A 52 -4.37 4.70 6.88
CA VAL A 52 -3.06 5.37 7.02
C VAL A 52 -2.89 6.37 5.88
N PHE A 53 -3.29 5.95 4.68
CA PHE A 53 -3.23 6.80 3.49
C PHE A 53 -4.03 8.08 3.72
N THR A 54 -5.29 7.95 4.14
CA THR A 54 -6.12 9.14 4.38
C THR A 54 -5.52 10.03 5.47
N MET A 55 -4.90 9.43 6.49
CA MET A 55 -4.22 10.21 7.52
C MET A 55 -3.03 11.00 6.98
N TYR A 56 -2.27 10.39 6.08
CA TYR A 56 -1.17 11.06 5.42
C TYR A 56 -1.67 12.21 4.56
N MET A 57 -2.75 11.98 3.82
CA MET A 57 -3.28 13.03 2.96
C MET A 57 -3.79 14.21 3.79
N ARG A 58 -4.26 13.93 4.99
CA ARG A 58 -4.75 14.96 5.91
C ARG A 58 -3.62 15.59 6.76
N GLU A 59 -2.37 15.24 6.45
CA GLU A 59 -1.17 15.81 7.08
C GLU A 59 -1.07 15.46 8.57
N GLU A 60 -1.58 14.29 8.94
CA GLU A 60 -1.57 13.84 10.34
C GLU A 60 -0.36 12.98 10.67
N ILE A 61 0.21 12.34 9.64
CA ILE A 61 1.39 11.51 9.81
C ILE A 61 2.37 11.81 8.70
N ASN A 62 3.61 11.39 8.91
CA ASN A 62 4.67 11.57 7.92
C ASN A 62 4.90 10.28 7.18
N LEU A 63 5.75 10.33 6.16
CA LEU A 63 6.11 9.12 5.43
C LEU A 63 6.86 8.14 6.33
N GLN A 64 7.63 8.64 7.30
CA GLN A 64 8.37 7.74 8.18
C GLN A 64 7.42 6.90 9.04
N ASP A 65 6.20 7.40 9.24
CA ASP A 65 5.20 6.68 10.02
C ASP A 65 4.59 5.46 9.35
N ILE A 66 4.93 5.19 8.09
CA ILE A 66 4.50 3.91 7.49
C ILE A 66 5.62 2.88 7.42
N GLU A 67 6.77 3.19 8.00
CA GLU A 67 7.91 2.28 7.91
C GLU A 67 7.70 1.04 8.78
N ASP A 68 7.05 1.20 9.94
CA ASP A 68 6.75 0.04 10.79
C ASP A 68 5.83 -0.98 10.10
N ILE A 69 4.74 -0.50 9.51
CA ILE A 69 3.83 -1.40 8.79
C ILE A 69 4.52 -2.00 7.57
N SER A 70 5.36 -1.21 6.88
CA SER A 70 6.15 -1.77 5.78
C SER A 70 6.99 -2.95 6.23
N LYS A 71 7.65 -2.82 7.36
CA LYS A 71 8.46 -3.92 7.88
C LYS A 71 7.62 -5.12 8.30
N LYS A 72 6.45 -4.86 8.89
CA LYS A 72 5.50 -5.93 9.26
C LYS A 72 5.07 -6.71 8.03
N ILE A 73 4.72 -6.01 6.97
CA ILE A 73 4.32 -6.63 5.71
C ILE A 73 5.48 -7.45 5.14
N ALA A 74 6.68 -6.88 5.13
CA ALA A 74 7.84 -7.58 4.61
C ALA A 74 8.07 -8.91 5.34
N GLN A 75 7.99 -8.88 6.67
CA GLN A 75 8.16 -10.10 7.47
C GLN A 75 7.12 -11.15 7.10
N GLU A 76 5.85 -10.73 6.96
CA GLU A 76 4.76 -11.65 6.63
C GLU A 76 4.94 -12.23 5.24
N ARG A 77 5.36 -11.39 4.29
CA ARG A 77 5.58 -11.87 2.91
C ARG A 77 6.74 -12.88 2.87
N MET A 78 7.80 -12.60 3.63
CA MET A 78 8.94 -13.51 3.68
C MET A 78 8.51 -14.86 4.27
N ASP A 79 7.74 -14.83 5.36
CA ASP A 79 7.28 -16.05 6.03
C ASP A 79 6.34 -16.85 5.12
N ALA A 80 5.55 -16.13 4.32
CA ALA A 80 4.61 -16.71 3.37
C ALA A 80 5.31 -17.44 2.21
N LYS A 81 6.59 -17.12 1.96
CA LYS A 81 7.37 -17.69 0.86
C LYS A 81 6.70 -17.49 -0.51
N VAL A 82 6.11 -16.31 -0.69
CA VAL A 82 5.52 -15.90 -1.97
C VAL A 82 6.46 -14.89 -2.60
N ASN A 83 6.38 -14.78 -3.92
CA ASN A 83 7.15 -13.78 -4.65
C ASN A 83 6.79 -12.40 -4.12
N ILE A 84 7.80 -11.65 -3.69
CA ILE A 84 7.58 -10.33 -3.08
C ILE A 84 7.01 -9.33 -4.12
N ALA A 85 7.15 -9.64 -5.41
CA ALA A 85 6.52 -8.86 -6.49
C ALA A 85 4.98 -8.86 -6.43
N ASP A 86 4.38 -9.89 -5.83
CA ASP A 86 2.92 -9.90 -5.64
C ASP A 86 2.49 -8.67 -4.84
N PHE A 87 3.25 -8.34 -3.79
CA PHE A 87 3.00 -7.17 -2.97
C PHE A 87 2.97 -5.87 -3.79
N ILE A 88 3.92 -5.76 -4.71
CA ILE A 88 4.02 -4.58 -5.58
C ILE A 88 2.77 -4.53 -6.44
N TYR A 89 2.41 -5.67 -7.02
CA TYR A 89 1.23 -5.73 -7.89
C TYR A 89 -0.01 -5.31 -7.12
N ASN A 90 -0.19 -5.90 -5.94
CA ASN A 90 -1.41 -5.65 -5.15
C ASN A 90 -1.48 -4.19 -4.69
N THR A 91 -0.32 -3.64 -4.31
CA THR A 91 -0.26 -2.23 -3.90
C THR A 91 -0.64 -1.35 -5.07
N ASN A 92 -0.12 -1.69 -6.23
CA ASN A 92 -0.39 -0.90 -7.44
C ASN A 92 -1.84 -0.93 -7.87
N GLU A 93 -2.50 -2.07 -7.67
CA GLU A 93 -3.94 -2.15 -7.93
C GLU A 93 -4.70 -1.21 -6.98
N GLY A 94 -4.29 -1.18 -5.72
CA GLY A 94 -4.90 -0.26 -4.76
C GLY A 94 -4.72 1.19 -5.17
N LYS A 95 -3.50 1.56 -5.53
CA LYS A 95 -3.21 2.94 -5.95
C LYS A 95 -4.02 3.31 -7.19
N LYS A 96 -4.11 2.38 -8.14
CA LYS A 96 -4.84 2.62 -9.37
C LYS A 96 -6.29 2.98 -9.04
N GLU A 97 -6.85 2.30 -8.05
CA GLU A 97 -8.24 2.49 -7.67
C GLU A 97 -8.42 3.84 -6.96
N ILE A 98 -7.44 4.22 -6.15
CA ILE A 98 -7.45 5.54 -5.49
C ILE A 98 -7.41 6.62 -6.55
N LEU A 99 -6.56 6.45 -7.56
CA LEU A 99 -6.50 7.45 -8.62
C LEU A 99 -7.79 7.48 -9.42
N ASN A 100 -8.36 6.31 -9.71
CA ASN A 100 -9.66 6.28 -10.41
C ASN A 100 -10.67 7.15 -9.67
N THR A 101 -10.69 7.00 -8.35
CA THR A 101 -11.61 7.80 -7.50
C THR A 101 -11.31 9.31 -7.57
N LEU A 102 -10.04 9.67 -7.51
CA LEU A 102 -9.65 11.07 -7.63
C LEU A 102 -10.19 11.68 -8.93
N PHE A 103 -10.04 10.96 -10.04
CA PHE A 103 -10.44 11.50 -11.34
C PHE A 103 -11.96 11.67 -11.46
N LEU A 104 -12.72 10.93 -10.68
CA LEU A 104 -14.18 11.08 -10.64
C LEU A 104 -14.62 12.36 -9.93
N LEU A 105 -13.70 13.01 -9.21
CA LEU A 105 -13.94 14.34 -8.65
C LEU A 105 -13.73 15.46 -9.68
N ASN A 106 -13.43 15.10 -10.93
CA ASN A 106 -13.14 16.07 -11.99
C ASN A 106 -12.15 17.17 -11.57
N PRO A 107 -10.97 16.77 -11.09
CA PRO A 107 -9.98 17.77 -10.72
C PRO A 107 -9.46 18.56 -11.91
N THR A 108 -9.03 19.78 -11.67
CA THR A 108 -8.29 20.58 -12.65
C THR A 108 -6.87 20.02 -12.78
N GLY A 109 -6.16 20.44 -13.84
CA GLY A 109 -4.74 20.10 -14.00
C GLY A 109 -3.93 20.43 -12.76
N GLN A 110 -4.17 21.60 -12.16
CA GLN A 110 -3.47 22.03 -10.95
C GLN A 110 -3.80 21.15 -9.74
N GLU A 111 -5.08 20.83 -9.58
CA GLU A 111 -5.53 19.97 -8.48
C GLU A 111 -4.92 18.58 -8.65
N CYS A 112 -4.89 18.09 -9.88
CA CYS A 112 -4.15 16.85 -10.19
C CYS A 112 -2.71 16.89 -9.74
N LYS A 113 -1.99 17.95 -10.10
CA LYS A 113 -0.57 18.03 -9.76
C LYS A 113 -0.38 17.90 -8.26
N VAL A 114 -1.09 18.72 -7.49
CA VAL A 114 -0.93 18.74 -6.05
C VAL A 114 -1.31 17.42 -5.37
N VAL A 115 -2.45 16.87 -5.74
CA VAL A 115 -2.97 15.67 -5.06
C VAL A 115 -2.22 14.43 -5.53
N ILE A 116 -1.98 14.30 -6.84
CA ILE A 116 -1.25 13.15 -7.39
C ILE A 116 0.19 13.10 -6.88
N GLU A 117 0.86 14.23 -6.80
CA GLU A 117 2.20 14.23 -6.25
C GLU A 117 2.24 13.66 -4.83
N GLN A 118 1.22 13.98 -4.00
CA GLN A 118 1.15 13.45 -2.65
C GLN A 118 0.81 11.96 -2.62
N ILE A 119 -0.13 11.54 -3.47
CA ILE A 119 -0.45 10.12 -3.59
C ILE A 119 0.79 9.32 -4.00
N ASN A 120 1.53 9.86 -4.96
CA ASN A 120 2.78 9.23 -5.39
C ASN A 120 3.81 9.13 -4.26
N LEU A 121 3.97 10.18 -3.46
CA LEU A 121 4.97 10.13 -2.38
C LEU A 121 4.63 8.97 -1.44
N PHE A 122 3.34 8.82 -1.14
CA PHE A 122 2.91 7.80 -0.18
C PHE A 122 3.18 6.41 -0.70
N PHE A 123 2.68 6.11 -1.89
CA PHE A 123 2.82 4.76 -2.43
C PHE A 123 4.26 4.43 -2.83
N ASP A 124 4.99 5.41 -3.36
CA ASP A 124 6.42 5.23 -3.64
C ASP A 124 7.15 4.84 -2.35
N HIS A 125 6.86 5.52 -1.25
CA HIS A 125 7.52 5.22 0.01
C HIS A 125 7.07 3.89 0.62
N LEU A 126 5.79 3.54 0.49
CA LEU A 126 5.30 2.26 0.96
C LEU A 126 6.04 1.13 0.27
N ILE A 127 6.14 1.23 -1.06
CA ILE A 127 6.78 0.17 -1.81
C ILE A 127 8.29 0.13 -1.54
N TYR A 128 8.93 1.29 -1.59
CA TYR A 128 10.34 1.39 -1.29
C TYR A 128 10.66 0.79 0.09
N SER A 129 9.92 1.20 1.10
CA SER A 129 10.18 0.82 2.48
C SER A 129 9.97 -0.69 2.69
N THR A 130 8.93 -1.23 2.09
CA THR A 130 8.61 -2.65 2.26
C THR A 130 9.67 -3.53 1.59
N ILE A 131 10.08 -3.16 0.38
CA ILE A 131 11.16 -3.89 -0.31
C ILE A 131 12.50 -3.73 0.40
N TYR A 132 12.77 -2.53 0.87
CA TYR A 132 13.99 -2.26 1.68
C TYR A 132 14.04 -3.22 2.87
N SER A 133 12.95 -3.26 3.62
CA SER A 133 12.84 -4.15 4.79
C SER A 133 12.95 -5.63 4.39
N TYR A 134 12.29 -6.03 3.32
CA TYR A 134 12.30 -7.41 2.84
C TYR A 134 13.73 -7.85 2.51
N TYR A 135 14.46 -6.98 1.81
CA TYR A 135 15.85 -7.23 1.44
C TYR A 135 16.70 -7.50 2.68
N LYS A 136 16.57 -6.62 3.66
CA LYS A 136 17.37 -6.74 4.89
C LYS A 136 17.00 -7.99 5.65
N LEU A 137 15.72 -8.30 5.70
CA LEU A 137 15.27 -9.48 6.46
C LEU A 137 15.77 -10.74 5.77
N LYS A 138 15.71 -10.77 4.43
CA LYS A 138 16.17 -11.94 3.67
C LYS A 138 17.68 -12.13 3.83
N LYS A 139 18.41 -11.02 3.86
CA LYS A 139 19.85 -11.07 4.05
C LYS A 139 20.15 -11.69 5.40
N GLU A 140 19.41 -11.29 6.42
CA GLU A 140 19.64 -11.81 7.76
C GLU A 140 19.24 -13.31 7.84
N TYR A 141 18.18 -13.67 7.11
CA TYR A 141 17.66 -15.04 7.08
C TYR A 141 18.67 -15.98 6.47
N ILE A 142 19.30 -15.54 5.37
CA ILE A 142 20.31 -16.34 4.72
C ILE A 142 21.52 -16.55 5.63
N HIS A 143 21.96 -15.46 6.26
CA HIS A 143 23.09 -15.53 7.16
C HIS A 143 22.82 -16.41 8.36
N SER A 144 21.60 -16.34 8.89
CA SER A 144 21.22 -17.11 10.07
C SER A 144 21.12 -18.59 9.82
N TYR A 145 20.50 -18.96 8.70
CA TYR A 145 20.06 -20.35 8.49
C TYR A 145 20.83 -21.13 7.44
N TYR A 146 21.62 -20.44 6.60
CA TYR A 146 22.29 -21.12 5.50
C TYR A 146 23.79 -20.97 5.54
N GLU A 147 24.46 -21.87 4.85
CA GLU A 147 25.89 -21.82 4.68
C GLU A 147 26.20 -22.13 3.21
N LEU A 148 27.30 -21.59 2.71
CA LEU A 148 27.73 -21.92 1.34
C LEU A 148 28.08 -23.40 1.23
N LYS A 149 27.63 -24.04 0.16
CA LYS A 149 28.11 -25.36 -0.18
C LYS A 149 29.62 -25.33 -0.32
N LYS A 150 30.27 -26.39 0.13
CA LYS A 150 31.73 -26.50 0.13
C LYS A 150 32.32 -26.23 -1.25
N LYS A 151 31.66 -26.77 -2.29
CA LYS A 151 32.11 -26.61 -3.69
C LYS A 151 32.41 -25.15 -4.05
N TYR A 152 31.70 -24.23 -3.42
CA TYR A 152 31.85 -22.80 -3.68
C TYR A 152 32.68 -21.99 -2.66
N ASN A 153 33.28 -22.62 -1.65
CA ASN A 153 34.11 -21.85 -0.70
C ASN A 153 35.62 -22.12 -0.72
CAA 11A B . -6.67 -0.33 -1.25
CAD 11A B . -5.49 -0.97 -0.57
CAE 11A B . -4.42 0.07 -0.29
CAF 11A B . -3.05 -0.48 -0.68
CAG 11A B . -2.70 -1.70 0.18
CAH 11A B . -1.26 -2.11 -0.08
CAI 11A B . -1.07 -3.61 0.04
CAJ 11A B . -1.30 -4.08 1.47
CAK 11A B . -0.29 -5.15 1.87
CAL 11A B . -0.93 -6.51 1.85
CAM 11A B . -0.03 -7.50 2.55
OAC 11A B . 0.02 -7.51 3.79
OAB 11A B . 0.64 -8.27 1.84
CL CL C . 0.41 -8.50 -0.89
#